data_5W8C
#
_entry.id   5W8C
#
_cell.length_a   90.742
_cell.length_b   90.742
_cell.length_c   98.393
_cell.angle_alpha   90.00
_cell.angle_beta   90.00
_cell.angle_gamma   120.00
#
_symmetry.space_group_name_H-M   'P 32 2 1'
#
loop_
_entity.id
_entity.type
_entity.pdbx_description
1 polymer 'Autoinducer synthase'
2 non-polymer 'Isovaleryl-coenzyme A'
3 non-polymer "5'-DEOXY-5'-METHYLTHIOADENOSINE"
4 non-polymer GLYCEROL
5 non-polymer 'CHLORIDE ION'
6 water water
#
_entity_poly.entity_id   1
_entity_poly.type   'polypeptide(L)'
_entity_poly.pdbx_seq_one_letter_code
;GHMIHAISAVNRHLYEDVLEQHFRLRHDIFVEERHWETLRRPDGREVDSYDDEDTVYLLALEGRRVVGGHRLYPTTKPSM
MSEVFPHLAAVRGCPSDPLIWEWSRYFVVRDRRDGALNLQLMAAVQEFCLDQGIAQVSAIMETWWLPRFHEAGFVVTPLG
LPALVENAWTMAATVDIRRQTLDVLHDRIGMPSIVQQDGPRLDAVARANLCGLAAAQRKSA
;
_entity_poly.pdbx_strand_id   A
#
# COMPACT_ATOMS: atom_id res chain seq x y z
N GLY A 1 19.09 0.96 11.14
CA GLY A 1 18.52 -0.41 11.30
C GLY A 1 17.73 -0.85 10.08
N HIS A 2 16.69 -1.65 10.32
CA HIS A 2 15.82 -2.17 9.26
C HIS A 2 14.91 -1.07 8.71
N MET A 3 14.79 -1.00 7.39
CA MET A 3 14.05 0.08 6.72
C MET A 3 12.96 -0.47 5.79
N ILE A 4 12.08 0.42 5.37
CA ILE A 4 11.09 0.12 4.33
C ILE A 4 11.66 0.60 3.00
N HIS A 5 11.82 -0.31 2.05
CA HIS A 5 12.42 0.03 0.76
C HIS A 5 11.37 0.35 -0.29
N ALA A 6 11.54 1.48 -0.96
CA ALA A 6 10.66 1.85 -2.08
C ALA A 6 11.18 1.22 -3.37
N ILE A 7 10.36 0.33 -3.94
CA ILE A 7 10.74 -0.43 -5.14
C ILE A 7 9.79 -0.11 -6.29
N SER A 8 10.35 0.31 -7.41
CA SER A 8 9.58 0.66 -8.60
C SER A 8 10.31 0.21 -9.87
N ALA A 9 9.73 0.53 -11.02
CA ALA A 9 10.34 0.22 -12.31
C ALA A 9 11.79 0.72 -12.43
N VAL A 10 12.08 1.88 -11.84
CA VAL A 10 13.40 2.51 -11.99
C VAL A 10 14.51 1.81 -11.20
N ASN A 11 14.16 1.06 -10.16
CA ASN A 11 15.16 0.42 -9.31
C ASN A 11 14.92 -1.06 -9.01
N ARG A 12 13.93 -1.66 -9.67
CA ARG A 12 13.57 -3.06 -9.37
C ARG A 12 14.64 -4.06 -9.79
N HIS A 13 15.58 -3.63 -10.62
CA HIS A 13 16.74 -4.44 -10.99
C HIS A 13 17.61 -4.77 -9.77
N LEU A 14 17.44 -3.99 -8.70
CA LEU A 14 18.14 -4.22 -7.43
C LEU A 14 17.32 -5.07 -6.46
N TYR A 15 16.10 -5.43 -6.84
CA TYR A 15 15.15 -6.06 -5.93
C TYR A 15 14.36 -7.23 -6.50
N GLU A 16 14.82 -7.84 -7.59
CA GLU A 16 14.04 -8.90 -8.23
C GLU A 16 13.79 -10.11 -7.31
N ASP A 17 14.78 -10.50 -6.52
N ASP A 17 14.82 -10.47 -6.54
CA ASP A 17 14.60 -11.63 -5.60
CA ASP A 17 14.74 -11.54 -5.55
C ASP A 17 13.66 -11.28 -4.43
C ASP A 17 13.67 -11.25 -4.49
N VAL A 18 13.72 -10.03 -3.98
CA VAL A 18 12.82 -9.56 -2.92
C VAL A 18 11.37 -9.48 -3.43
N LEU A 19 11.20 -8.99 -4.65
CA LEU A 19 9.86 -8.88 -5.25
C LEU A 19 9.17 -10.26 -5.39
N GLU A 20 9.90 -11.25 -5.88
N GLU A 20 9.91 -11.24 -5.92
CA GLU A 20 9.36 -12.60 -6.00
CA GLU A 20 9.44 -12.63 -6.00
C GLU A 20 9.04 -13.22 -4.65
C GLU A 20 9.01 -13.14 -4.64
N GLN A 21 9.88 -12.94 -3.65
CA GLN A 21 9.64 -13.38 -2.28
C GLN A 21 8.33 -12.79 -1.75
N HIS A 22 8.08 -11.52 -2.03
CA HIS A 22 6.89 -10.84 -1.53
C HIS A 22 5.60 -11.30 -2.25
N PHE A 23 5.70 -11.64 -3.53
CA PHE A 23 4.55 -12.20 -4.25
C PHE A 23 4.12 -13.53 -3.65
N ARG A 24 5.09 -14.33 -3.22
CA ARG A 24 4.79 -15.61 -2.57
C ARG A 24 4.23 -15.42 -1.16
N LEU A 25 4.81 -14.47 -0.44
CA LEU A 25 4.30 -14.12 0.90
C LEU A 25 2.87 -13.60 0.80
N ARG A 26 2.59 -12.78 -0.21
CA ARG A 26 1.22 -12.31 -0.46
C ARG A 26 0.26 -13.49 -0.69
N HIS A 27 0.74 -14.54 -1.35
CA HIS A 27 -0.11 -15.73 -1.54
C HIS A 27 -0.36 -16.44 -0.21
N ASP A 28 0.69 -16.64 0.58
CA ASP A 28 0.56 -17.24 1.91
C ASP A 28 -0.42 -16.44 2.79
N ILE A 29 -0.36 -15.13 2.69
CA ILE A 29 -1.12 -14.27 3.61
C ILE A 29 -2.53 -13.97 3.12
N PHE A 30 -2.66 -13.45 1.90
CA PHE A 30 -3.98 -13.07 1.41
C PHE A 30 -4.83 -14.25 0.94
N VAL A 31 -4.20 -15.28 0.39
CA VAL A 31 -4.94 -16.46 -0.04
C VAL A 31 -5.12 -17.49 1.09
N GLU A 32 -4.01 -17.95 1.67
N GLU A 32 -4.01 -17.98 1.65
CA GLU A 32 -4.03 -19.05 2.65
CA GLU A 32 -4.07 -19.04 2.66
C GLU A 32 -4.36 -18.63 4.09
C GLU A 32 -4.62 -18.54 4.00
N GLU A 33 -4.20 -17.36 4.43
CA GLU A 33 -4.64 -16.83 5.73
C GLU A 33 -5.99 -16.11 5.64
N ARG A 34 -6.07 -15.08 4.80
CA ARG A 34 -7.30 -14.29 4.71
C ARG A 34 -8.41 -15.00 3.92
N HIS A 35 -8.05 -16.06 3.20
CA HIS A 35 -9.00 -16.81 2.36
C HIS A 35 -9.64 -15.92 1.27
N TRP A 36 -8.86 -15.01 0.71
CA TRP A 36 -9.32 -14.24 -0.44
C TRP A 36 -9.15 -15.09 -1.69
N GLU A 37 -10.05 -16.06 -1.83
CA GLU A 37 -9.94 -17.13 -2.83
C GLU A 37 -9.84 -16.69 -4.28
N THR A 38 -10.45 -15.55 -4.61
CA THR A 38 -10.38 -15.05 -5.98
C THR A 38 -8.95 -14.73 -6.42
N LEU A 39 -8.03 -14.63 -5.46
CA LEU A 39 -6.63 -14.31 -5.72
C LEU A 39 -5.73 -15.54 -5.83
N ARG A 40 -6.29 -16.72 -5.60
CA ARG A 40 -5.50 -17.95 -5.65
C ARG A 40 -4.94 -18.19 -7.05
N ARG A 41 -3.67 -18.56 -7.12
CA ARG A 41 -3.01 -18.84 -8.38
C ARG A 41 -2.14 -20.09 -8.24
N PRO A 42 -2.10 -20.93 -9.29
CA PRO A 42 -1.40 -22.20 -9.20
C PRO A 42 0.15 -22.09 -9.17
N ASP A 43 0.68 -20.92 -9.51
CA ASP A 43 2.13 -20.68 -9.38
C ASP A 43 2.55 -20.29 -7.95
N GLY A 44 1.57 -20.17 -7.05
CA GLY A 44 1.85 -19.78 -5.66
C GLY A 44 2.31 -18.34 -5.51
N ARG A 45 2.08 -17.54 -6.55
CA ARG A 45 2.43 -16.13 -6.56
C ARG A 45 1.15 -15.32 -6.63
N GLU A 46 0.97 -14.42 -5.67
CA GLU A 46 -0.24 -13.60 -5.63
C GLU A 46 0.01 -12.31 -6.38
N VAL A 47 -0.39 -12.29 -7.65
CA VAL A 47 -0.13 -11.19 -8.56
C VAL A 47 -1.45 -10.86 -9.25
N ASP A 48 -1.85 -9.60 -9.23
CA ASP A 48 -3.10 -9.20 -9.89
C ASP A 48 -2.84 -8.16 -11.00
N SER A 49 -3.91 -7.61 -11.57
N SER A 49 -3.91 -7.61 -11.57
CA SER A 49 -3.81 -6.66 -12.67
CA SER A 49 -3.76 -6.68 -12.69
C SER A 49 -3.12 -5.36 -12.31
C SER A 49 -3.18 -5.32 -12.31
N TYR A 50 -2.95 -5.11 -11.01
CA TYR A 50 -2.35 -3.86 -10.52
C TYR A 50 -0.90 -4.07 -10.09
N ASP A 51 -0.36 -5.23 -10.46
CA ASP A 51 1.07 -5.50 -10.39
C ASP A 51 1.64 -5.40 -11.80
N ASP A 52 2.06 -4.19 -12.17
CA ASP A 52 2.63 -3.94 -13.49
C ASP A 52 3.82 -2.97 -13.39
N GLU A 53 4.17 -2.33 -14.51
N GLU A 53 4.18 -2.33 -14.51
CA GLU A 53 5.33 -1.45 -14.59
CA GLU A 53 5.35 -1.45 -14.55
C GLU A 53 5.20 -0.14 -13.80
C GLU A 53 5.22 -0.19 -13.70
N ASP A 54 3.98 0.19 -13.40
CA ASP A 54 3.72 1.45 -12.69
C ASP A 54 3.48 1.30 -11.19
N THR A 55 3.44 0.05 -10.72
CA THR A 55 3.26 -0.24 -9.29
C THR A 55 4.51 0.16 -8.50
N VAL A 56 4.29 0.75 -7.33
CA VAL A 56 5.38 1.02 -6.40
C VAL A 56 5.17 0.14 -5.17
N TYR A 57 6.23 -0.55 -4.76
CA TYR A 57 6.16 -1.42 -3.58
C TYR A 57 6.97 -0.80 -2.46
N LEU A 58 6.38 -0.77 -1.27
CA LEU A 58 7.07 -0.32 -0.07
C LEU A 58 7.20 -1.53 0.83
N LEU A 59 8.37 -2.15 0.81
CA LEU A 59 8.58 -3.42 1.48
C LEU A 59 9.53 -3.31 2.65
N ALA A 60 9.11 -3.82 3.80
CA ALA A 60 9.92 -3.86 5.01
C ALA A 60 10.93 -4.99 4.88
N LEU A 61 12.21 -4.64 4.90
CA LEU A 61 13.28 -5.62 4.77
C LEU A 61 14.12 -5.73 6.03
N GLU A 62 14.44 -6.97 6.39
CA GLU A 62 15.46 -7.26 7.39
C GLU A 62 16.53 -8.05 6.66
N GLY A 63 17.60 -7.35 6.26
CA GLY A 63 18.55 -7.89 5.30
C GLY A 63 17.84 -7.99 3.97
N ARG A 64 17.65 -9.21 3.48
CA ARG A 64 16.90 -9.43 2.25
C ARG A 64 15.57 -10.16 2.53
N ARG A 65 15.23 -10.30 3.81
CA ARG A 65 13.96 -10.92 4.21
C ARG A 65 12.84 -9.90 4.24
N VAL A 66 11.78 -10.18 3.48
CA VAL A 66 10.57 -9.34 3.50
C VAL A 66 9.76 -9.69 4.76
N VAL A 67 9.55 -8.70 5.63
CA VAL A 67 8.79 -8.92 6.86
C VAL A 67 7.44 -8.20 6.88
N GLY A 68 7.22 -7.36 5.86
CA GLY A 68 5.96 -6.64 5.72
C GLY A 68 6.00 -5.74 4.52
N GLY A 69 4.89 -5.05 4.26
CA GLY A 69 4.85 -4.11 3.16
C GLY A 69 3.46 -3.72 2.73
N HIS A 70 3.41 -2.89 1.69
CA HIS A 70 2.19 -2.50 1.00
C HIS A 70 2.58 -1.95 -0.36
N ARG A 71 1.59 -1.63 -1.19
CA ARG A 71 1.87 -1.16 -2.54
C ARG A 71 1.02 0.06 -2.90
N LEU A 72 1.51 0.81 -3.88
CA LEU A 72 0.82 1.99 -4.39
C LEU A 72 0.69 1.91 -5.89
N TYR A 73 -0.45 2.37 -6.39
CA TYR A 73 -0.78 2.27 -7.82
C TYR A 73 -1.42 3.58 -8.29
N PRO A 74 -1.02 4.08 -9.48
CA PRO A 74 -1.55 5.38 -9.90
C PRO A 74 -3.04 5.30 -10.25
N THR A 75 -3.83 6.24 -9.74
CA THR A 75 -5.26 6.28 -10.05
C THR A 75 -5.56 6.87 -11.44
N THR A 76 -4.51 7.29 -12.15
CA THR A 76 -4.67 7.73 -13.54
C THR A 76 -4.78 6.53 -14.49
N LYS A 77 -4.48 5.34 -13.98
CA LYS A 77 -4.74 4.07 -14.66
C LYS A 77 -6.02 3.46 -14.09
N PRO A 78 -6.67 2.55 -14.85
CA PRO A 78 -7.75 1.77 -14.24
C PRO A 78 -7.25 1.13 -12.93
N SER A 79 -8.03 1.27 -11.87
CA SER A 79 -7.60 0.87 -10.53
C SER A 79 -8.54 -0.18 -9.95
N MET A 80 -8.18 -0.75 -8.80
CA MET A 80 -9.08 -1.69 -8.14
C MET A 80 -10.41 -1.03 -7.82
N MET A 81 -10.36 0.23 -7.35
CA MET A 81 -11.58 0.92 -7.01
C MET A 81 -12.44 1.21 -8.25
N SER A 82 -11.82 1.69 -9.32
CA SER A 82 -12.58 2.04 -10.54
C SER A 82 -13.13 0.81 -11.27
N GLU A 83 -12.38 -0.28 -11.24
CA GLU A 83 -12.75 -1.49 -11.98
C GLU A 83 -13.55 -2.51 -11.18
N VAL A 84 -13.12 -2.76 -9.95
CA VAL A 84 -13.68 -3.85 -9.14
C VAL A 84 -14.75 -3.34 -8.16
N PHE A 85 -14.48 -2.21 -7.51
CA PHE A 85 -15.36 -1.72 -6.45
C PHE A 85 -15.90 -0.29 -6.64
N PRO A 86 -16.33 0.08 -7.87
CA PRO A 86 -16.74 1.49 -8.02
C PRO A 86 -17.98 1.84 -7.23
N HIS A 87 -18.82 0.83 -6.94
CA HIS A 87 -20.04 1.03 -6.14
C HIS A 87 -19.74 1.48 -4.71
N LEU A 88 -18.55 1.16 -4.22
CA LEU A 88 -18.11 1.61 -2.89
C LEU A 88 -17.79 3.10 -2.83
N ALA A 89 -17.62 3.73 -3.99
CA ALA A 89 -17.27 5.15 -4.05
C ALA A 89 -18.32 5.95 -4.80
N ALA A 90 -19.56 5.47 -4.79
CA ALA A 90 -20.64 6.09 -5.55
C ALA A 90 -21.03 7.48 -5.07
N VAL A 91 -20.84 7.76 -3.78
CA VAL A 91 -21.20 9.06 -3.22
C VAL A 91 -20.24 10.17 -3.70
N ARG A 92 -18.95 9.97 -3.51
CA ARG A 92 -17.95 10.99 -3.85
C ARG A 92 -17.25 10.79 -5.19
N GLY A 93 -17.26 9.56 -5.70
CA GLY A 93 -16.60 9.23 -6.95
C GLY A 93 -15.24 8.57 -6.74
N CYS A 94 -14.83 7.72 -7.68
CA CYS A 94 -13.51 7.09 -7.66
C CYS A 94 -12.46 8.13 -8.04
N PRO A 95 -11.36 8.21 -7.26
CA PRO A 95 -10.27 9.13 -7.57
C PRO A 95 -9.61 8.80 -8.91
N SER A 96 -9.16 9.85 -9.59
CA SER A 96 -8.38 9.72 -10.80
C SER A 96 -7.55 10.98 -10.93
N ASP A 97 -6.31 10.91 -10.48
CA ASP A 97 -5.47 12.11 -10.32
C ASP A 97 -4.03 11.65 -10.12
N PRO A 98 -3.06 12.31 -10.80
CA PRO A 98 -1.65 11.97 -10.58
C PRO A 98 -1.23 12.11 -9.12
N LEU A 99 -1.97 12.92 -8.36
CA LEU A 99 -1.62 13.20 -6.95
C LEU A 99 -2.37 12.30 -5.96
N ILE A 100 -3.13 11.34 -6.48
CA ILE A 100 -3.79 10.34 -5.65
C ILE A 100 -3.39 8.95 -6.12
N TRP A 101 -2.85 8.15 -5.20
CA TRP A 101 -2.42 6.80 -5.52
C TRP A 101 -3.19 5.78 -4.70
N GLU A 102 -3.50 4.65 -5.30
CA GLU A 102 -4.28 3.61 -4.65
C GLU A 102 -3.37 2.73 -3.79
N TRP A 103 -3.77 2.53 -2.54
CA TRP A 103 -2.95 1.87 -1.52
C TRP A 103 -3.59 0.53 -1.15
N SER A 104 -2.81 -0.56 -1.25
CA SER A 104 -3.35 -1.91 -1.03
C SER A 104 -2.30 -2.91 -0.58
N ARG A 105 -2.77 -4.14 -0.28
CA ARG A 105 -1.93 -5.30 0.05
C ARG A 105 -0.99 -5.05 1.24
N TYR A 106 -1.53 -4.40 2.27
CA TYR A 106 -0.82 -4.13 3.52
C TYR A 106 -0.68 -5.44 4.30
N PHE A 107 0.54 -5.81 4.65
CA PHE A 107 0.76 -7.04 5.43
C PHE A 107 1.95 -6.93 6.36
N VAL A 108 1.92 -7.72 7.42
CA VAL A 108 3.04 -7.92 8.32
C VAL A 108 3.11 -9.43 8.53
N VAL A 109 4.29 -10.03 8.35
CA VAL A 109 4.44 -11.47 8.59
C VAL A 109 4.19 -11.77 10.07
N ARG A 110 3.67 -12.96 10.36
CA ARG A 110 3.30 -13.34 11.72
C ARG A 110 4.40 -13.06 12.77
N ASP A 111 5.65 -13.33 12.41
CA ASP A 111 6.81 -13.11 13.28
C ASP A 111 6.98 -11.67 13.77
N ARG A 112 6.40 -10.72 13.03
CA ARG A 112 6.58 -9.30 13.34
C ARG A 112 5.30 -8.56 13.70
N ARG A 113 4.20 -9.30 13.90
CA ARG A 113 2.94 -8.69 14.26
C ARG A 113 2.92 -8.25 15.73
N ASP A 114 2.10 -7.24 16.03
CA ASP A 114 1.96 -6.69 17.38
C ASP A 114 3.31 -6.20 17.92
N GLY A 115 4.11 -5.58 17.04
CA GLY A 115 5.41 -5.03 17.40
C GLY A 115 5.57 -3.64 16.83
N ALA A 116 6.82 -3.25 16.58
CA ALA A 116 7.12 -1.91 16.09
C ALA A 116 6.86 -1.75 14.59
N LEU A 117 6.84 -2.86 13.85
CA LEU A 117 6.76 -2.80 12.39
C LEU A 117 5.48 -2.13 11.88
N ASN A 118 4.34 -2.40 12.52
CA ASN A 118 3.09 -1.87 12.01
C ASN A 118 3.07 -0.35 11.90
N LEU A 119 3.47 0.35 12.97
CA LEU A 119 3.48 1.80 12.94
C LEU A 119 4.52 2.35 11.95
N GLN A 120 5.61 1.60 11.76
CA GLN A 120 6.62 1.95 10.75
C GLN A 120 6.03 1.93 9.34
N LEU A 121 5.19 0.93 9.08
CA LEU A 121 4.50 0.83 7.79
C LEU A 121 3.50 1.96 7.58
N MET A 122 2.81 2.36 8.66
CA MET A 122 1.91 3.50 8.62
C MET A 122 2.69 4.77 8.28
N ALA A 123 3.84 4.96 8.95
CA ALA A 123 4.71 6.10 8.67
C ALA A 123 5.24 6.08 7.23
N ALA A 124 5.59 4.89 6.75
CA ALA A 124 6.18 4.71 5.42
C ALA A 124 5.33 5.28 4.28
N VAL A 125 4.02 5.02 4.30
CA VAL A 125 3.15 5.54 3.23
C VAL A 125 3.12 7.08 3.25
N GLN A 126 3.10 7.66 4.45
CA GLN A 126 3.10 9.11 4.58
C GLN A 126 4.43 9.72 4.13
N GLU A 127 5.53 9.07 4.48
CA GLU A 127 6.88 9.56 4.15
C GLU A 127 7.13 9.53 2.65
N PHE A 128 6.86 8.39 2.03
CA PHE A 128 7.03 8.24 0.58
C PHE A 128 6.18 9.24 -0.19
N CYS A 129 4.88 9.31 0.14
CA CYS A 129 3.98 10.22 -0.57
C CYS A 129 4.38 11.69 -0.42
N LEU A 130 4.72 12.11 0.79
CA LEU A 130 5.17 13.49 1.01
C LEU A 130 6.43 13.79 0.18
N ASP A 131 7.39 12.87 0.20
CA ASP A 131 8.61 12.99 -0.61
C ASP A 131 8.29 13.17 -2.09
N GLN A 132 7.28 12.42 -2.57
CA GLN A 132 6.90 12.44 -3.98
C GLN A 132 5.91 13.55 -4.34
N GLY A 133 5.38 14.23 -3.33
CA GLY A 133 4.38 15.28 -3.56
C GLY A 133 3.01 14.71 -3.85
N ILE A 134 2.78 13.45 -3.48
CA ILE A 134 1.47 12.82 -3.59
C ILE A 134 0.58 13.36 -2.45
N ALA A 135 -0.63 13.80 -2.78
CA ALA A 135 -1.49 14.52 -1.83
C ALA A 135 -2.38 13.59 -1.00
N GLN A 136 -2.83 12.50 -1.62
CA GLN A 136 -3.74 11.57 -0.95
C GLN A 136 -3.47 10.15 -1.42
N VAL A 137 -3.86 9.17 -0.60
CA VAL A 137 -3.95 7.79 -1.07
C VAL A 137 -5.41 7.36 -0.97
N SER A 138 -5.81 6.44 -1.83
CA SER A 138 -7.17 5.92 -1.83
C SER A 138 -7.09 4.43 -1.52
N ALA A 139 -8.12 3.90 -0.88
CA ALA A 139 -8.09 2.49 -0.51
C ALA A 139 -9.46 1.87 -0.41
N ILE A 140 -9.53 0.58 -0.72
N ILE A 140 -9.52 0.59 -0.76
CA ILE A 140 -10.68 -0.25 -0.39
CA ILE A 140 -10.63 -0.27 -0.39
C ILE A 140 -10.27 -1.08 0.81
C ILE A 140 -10.16 -1.00 0.86
N MET A 141 -10.89 -0.82 1.96
N MET A 141 -10.96 -0.97 1.91
CA MET A 141 -10.50 -1.54 3.17
CA MET A 141 -10.53 -1.53 3.18
C MET A 141 -11.67 -2.00 4.02
C MET A 141 -11.69 -2.02 4.01
N GLU A 142 -11.46 -3.09 4.76
CA GLU A 142 -12.42 -3.58 5.71
C GLU A 142 -12.56 -2.54 6.83
N THR A 143 -13.76 -2.44 7.38
CA THR A 143 -14.10 -1.34 8.30
C THR A 143 -13.31 -1.37 9.62
N TRP A 144 -12.71 -2.51 9.94
CA TRP A 144 -11.83 -2.58 11.12
C TRP A 144 -10.58 -1.71 11.00
N TRP A 145 -10.30 -1.22 9.80
CA TRP A 145 -9.20 -0.28 9.60
C TRP A 145 -9.44 1.12 10.15
N LEU A 146 -10.70 1.51 10.32
CA LEU A 146 -11.01 2.87 10.77
C LEU A 146 -10.32 3.27 12.11
N PRO A 147 -10.45 2.44 13.17
CA PRO A 147 -9.72 2.80 14.39
C PRO A 147 -8.19 2.76 14.24
N ARG A 148 -7.68 1.90 13.35
CA ARG A 148 -6.24 1.83 13.08
C ARG A 148 -5.75 3.12 12.42
N PHE A 149 -6.51 3.62 11.44
CA PHE A 149 -6.20 4.90 10.81
C PHE A 149 -6.23 6.03 11.84
N HIS A 150 -7.26 6.04 12.68
CA HIS A 150 -7.40 7.08 13.68
C HIS A 150 -6.28 7.07 14.70
N GLU A 151 -5.87 5.87 15.12
CA GLU A 151 -4.76 5.70 16.08
C GLU A 151 -3.44 6.28 15.55
N ALA A 152 -3.24 6.21 14.23
CA ALA A 152 -2.04 6.74 13.60
C ALA A 152 -2.18 8.20 13.18
N GLY A 153 -3.31 8.82 13.50
CA GLY A 153 -3.58 10.21 13.15
C GLY A 153 -3.89 10.45 11.68
N PHE A 154 -4.23 9.40 10.94
CA PHE A 154 -4.58 9.52 9.52
C PHE A 154 -5.89 10.28 9.36
N VAL A 155 -5.90 11.24 8.45
CA VAL A 155 -7.09 12.01 8.12
C VAL A 155 -7.82 11.27 7.00
N VAL A 156 -9.03 10.80 7.31
CA VAL A 156 -9.76 9.87 6.44
C VAL A 156 -11.02 10.51 5.87
N THR A 157 -11.22 10.37 4.56
CA THR A 157 -12.44 10.85 3.90
C THR A 157 -13.17 9.67 3.24
N PRO A 158 -14.26 9.18 3.86
CA PRO A 158 -15.05 8.12 3.23
C PRO A 158 -15.60 8.57 1.87
N LEU A 159 -15.62 7.67 0.89
CA LEU A 159 -16.08 7.99 -0.45
C LEU A 159 -17.47 7.44 -0.79
N GLY A 160 -17.98 6.56 0.06
CA GLY A 160 -19.31 5.99 -0.16
C GLY A 160 -19.82 5.22 1.03
N LEU A 161 -20.93 4.52 0.82
CA LEU A 161 -21.53 3.72 1.87
C LEU A 161 -20.73 2.44 2.09
N PRO A 162 -20.51 2.04 3.35
CA PRO A 162 -19.93 0.72 3.58
C PRO A 162 -20.84 -0.35 3.01
N ALA A 163 -20.27 -1.48 2.59
CA ALA A 163 -21.04 -2.57 2.03
C ALA A 163 -20.36 -3.90 2.30
N LEU A 164 -21.15 -4.96 2.31
CA LEU A 164 -20.58 -6.31 2.41
C LEU A 164 -19.85 -6.68 1.14
N VAL A 165 -18.63 -7.17 1.29
CA VAL A 165 -17.86 -7.73 0.18
C VAL A 165 -17.44 -9.11 0.66
N GLU A 166 -17.97 -10.16 0.02
CA GLU A 166 -17.71 -11.53 0.45
C GLU A 166 -17.73 -11.69 1.97
N ASN A 167 -18.90 -11.40 2.57
CA ASN A 167 -19.12 -11.56 4.01
C ASN A 167 -18.41 -10.59 4.96
N ALA A 168 -17.70 -9.61 4.42
CA ALA A 168 -16.95 -8.69 5.26
C ALA A 168 -17.33 -7.25 4.95
N TRP A 169 -17.61 -6.48 6.00
CA TRP A 169 -17.93 -5.06 5.85
C TRP A 169 -16.71 -4.28 5.36
N THR A 170 -16.90 -3.59 4.24
CA THR A 170 -15.80 -3.01 3.48
C THR A 170 -16.22 -1.61 3.01
N MET A 171 -15.26 -0.72 2.83
CA MET A 171 -15.56 0.65 2.39
C MET A 171 -14.42 1.23 1.55
N ALA A 172 -14.73 2.32 0.85
CA ALA A 172 -13.73 3.06 0.07
C ALA A 172 -13.48 4.39 0.75
N ALA A 173 -12.22 4.80 0.81
CA ALA A 173 -11.87 6.07 1.44
C ALA A 173 -10.58 6.64 0.86
N THR A 174 -10.39 7.93 1.04
CA THR A 174 -9.06 8.52 0.84
C THR A 174 -8.43 8.85 2.19
N VAL A 175 -7.11 8.89 2.20
CA VAL A 175 -6.35 9.33 3.35
C VAL A 175 -5.53 10.54 2.91
N ASP A 176 -5.61 11.62 3.68
CA ASP A 176 -4.83 12.82 3.39
C ASP A 176 -3.38 12.61 3.82
N ILE A 177 -2.45 12.86 2.91
CA ILE A 177 -1.04 12.82 3.26
C ILE A 177 -0.69 14.15 3.92
N ARG A 178 -0.13 14.08 5.12
CA ARG A 178 0.14 15.29 5.90
C ARG A 178 1.52 15.27 6.55
N ARG A 179 2.24 16.37 6.39
CA ARG A 179 3.51 16.56 7.09
C ARG A 179 3.32 16.42 8.60
N GLN A 180 2.24 17.01 9.12
CA GLN A 180 1.88 16.96 10.54
C GLN A 180 1.70 15.52 11.02
N THR A 181 0.94 14.73 10.25
CA THR A 181 0.74 13.31 10.55
C THR A 181 2.08 12.57 10.59
N LEU A 182 2.92 12.84 9.59
CA LEU A 182 4.23 12.19 9.49
C LEU A 182 5.17 12.57 10.64
N ASP A 183 5.19 13.85 11.01
N ASP A 183 5.19 13.86 10.99
CA ASP A 183 6.04 14.34 12.10
CA ASP A 183 6.00 14.38 12.10
C ASP A 183 5.77 13.61 13.42
C ASP A 183 5.76 13.60 13.38
N VAL A 184 4.48 13.45 13.74
CA VAL A 184 4.08 12.73 14.95
C VAL A 184 4.50 11.26 14.88
N LEU A 185 4.34 10.64 13.71
CA LEU A 185 4.71 9.23 13.53
C LEU A 185 6.23 9.02 13.60
N HIS A 186 7.01 9.95 13.05
CA HIS A 186 8.47 9.91 13.19
C HIS A 186 8.88 9.93 14.66
N ASP A 187 8.23 10.79 15.44
CA ASP A 187 8.44 10.86 16.89
C ASP A 187 8.09 9.54 17.56
N ARG A 188 6.96 8.95 17.16
CA ARG A 188 6.47 7.72 17.76
C ARG A 188 7.32 6.49 17.41
N ILE A 189 7.78 6.40 16.18
CA ILE A 189 8.64 5.28 15.77
C ILE A 189 10.10 5.50 16.18
N GLY A 190 10.41 6.72 16.62
CA GLY A 190 11.73 7.07 17.10
C GLY A 190 12.81 7.08 16.03
N MET A 191 12.41 7.46 14.81
CA MET A 191 13.32 7.51 13.65
C MET A 191 12.96 8.69 12.76
N PRO A 192 13.97 9.45 12.30
CA PRO A 192 13.70 10.60 11.43
C PRO A 192 13.27 10.20 10.02
N SER A 193 13.58 8.96 9.62
CA SER A 193 13.26 8.45 8.29
C SER A 193 13.06 6.93 8.32
N ILE A 194 12.02 6.46 7.64
CA ILE A 194 11.72 5.04 7.58
C ILE A 194 11.82 4.46 6.16
N VAL A 195 11.79 5.33 5.15
CA VAL A 195 11.83 4.89 3.76
C VAL A 195 13.21 5.01 3.14
N GLN A 196 13.73 3.88 2.67
CA GLN A 196 15.00 3.81 1.96
C GLN A 196 14.75 3.75 0.46
N GLN A 197 15.45 4.61 -0.30
CA GLN A 197 15.28 4.67 -1.76
C GLN A 197 16.62 4.49 -2.48
N ASP A 198 16.97 3.23 -2.73
CA ASP A 198 18.21 2.87 -3.42
C ASP A 198 18.06 2.93 -4.94
N GLY A 199 19.17 3.20 -5.62
CA GLY A 199 19.18 3.27 -7.09
C GLY A 199 18.65 4.60 -7.59
N PRO A 200 18.32 4.67 -8.90
CA PRO A 200 17.85 5.90 -9.55
C PRO A 200 16.62 6.51 -8.89
N ARG A 201 16.54 7.84 -8.93
CA ARG A 201 15.42 8.60 -8.37
C ARG A 201 14.11 8.28 -9.10
N LEU A 202 13.05 8.10 -8.33
CA LEU A 202 11.72 7.87 -8.90
C LEU A 202 10.92 9.18 -8.90
N ASP A 203 10.37 9.53 -10.06
CA ASP A 203 9.45 10.65 -10.16
C ASP A 203 8.05 10.11 -10.39
N ALA A 204 7.41 9.72 -9.29
CA ALA A 204 6.10 9.05 -9.33
C ALA A 204 5.02 9.87 -10.01
N VAL A 205 4.92 11.15 -9.64
CA VAL A 205 3.88 12.03 -10.19
C VAL A 205 4.04 12.24 -11.70
N ALA A 206 5.29 12.39 -12.16
CA ALA A 206 5.58 12.45 -13.59
C ALA A 206 5.09 11.20 -14.32
N ARG A 207 5.39 10.02 -13.76
CA ARG A 207 4.96 8.74 -14.33
C ARG A 207 3.44 8.61 -14.38
N ALA A 208 2.75 9.04 -13.33
CA ALA A 208 1.29 8.99 -13.28
C ALA A 208 0.65 9.92 -14.31
N ASN A 209 1.30 11.05 -14.55
CA ASN A 209 0.86 12.00 -15.59
C ASN A 209 0.95 11.42 -17.00
N LEU A 210 1.95 10.58 -17.25
CA LEU A 210 2.09 9.88 -18.53
C LEU A 210 0.93 8.93 -18.78
N CYS A 211 0.43 8.32 -17.71
CA CYS A 211 -0.74 7.45 -17.76
C CYS A 211 -2.02 8.27 -17.91
#